data_2C4N
#
_entry.id   2C4N
#
_cell.length_a   53.914
_cell.length_b   94.801
_cell.length_c   119.236
_cell.angle_alpha   90.00
_cell.angle_beta   90.00
_cell.angle_gamma   90.00
#
_symmetry.space_group_name_H-M   'I 2 2 2'
#
loop_
_entity.id
_entity.type
_entity.pdbx_description
1 polymer 'PROTEIN NAGD'
2 non-polymer 'MAGNESIUM ION'
3 non-polymer 'PHOSPHATE ION'
4 water water
#
_entity_poly.entity_id   1
_entity_poly.type   'polypeptide(L)'
_entity_poly.pdbx_seq_one_letter_code
;MTIKNVICDIDGVLMHDNVAVPGAAEFLHGIMDKGLPLVLLTNYPSQTGQDLANRFATAGVDVPDSVFYTSAMATADFLR
RQEGKKAYVVGEGALIHELYKAGFTITDVNPDFVIVGETRSYNWDMMHKAAYFVANGARFIATNPDTHGRGFYPACGALC
AGIEKISGRKPFYVGKPSPWIIRAALNKMQAHSEETVIVGDNLRTDILAGFQAGLETILVLSGVSSLDDIDSMPFRPSWI
YPSVAEIDVI
;
_entity_poly.pdbx_strand_id   A
#
loop_
_chem_comp.id
_chem_comp.type
_chem_comp.name
_chem_comp.formula
MG non-polymer 'MAGNESIUM ION' 'Mg 2'
PO4 non-polymer 'PHOSPHATE ION' 'O4 P -3'
#
# COMPACT_ATOMS: atom_id res chain seq x y z
N MET A 1 18.66 -13.75 -10.80
CA MET A 1 19.75 -13.66 -9.85
C MET A 1 19.33 -13.61 -8.35
N THR A 2 20.17 -13.02 -7.55
CA THR A 2 20.10 -13.09 -6.13
C THR A 2 19.21 -11.92 -5.67
N ILE A 3 19.04 -11.69 -4.38
CA ILE A 3 18.36 -10.51 -3.92
C ILE A 3 19.14 -9.25 -4.16
N LYS A 4 18.63 -8.34 -4.99
CA LYS A 4 19.33 -7.10 -5.29
C LYS A 4 18.47 -5.90 -4.92
N ASN A 5 17.18 -6.14 -4.65
CA ASN A 5 16.25 -5.08 -4.30
C ASN A 5 15.35 -5.56 -3.16
N VAL A 6 14.82 -4.63 -2.38
CA VAL A 6 13.98 -5.00 -1.24
C VAL A 6 12.73 -4.15 -1.08
N ILE A 7 11.59 -4.82 -0.95
CA ILE A 7 10.33 -4.14 -0.69
C ILE A 7 10.00 -4.59 0.73
N CYS A 8 9.85 -3.65 1.63
CA CYS A 8 9.56 -4.01 3.01
C CYS A 8 8.30 -3.33 3.52
N ASP A 9 7.36 -4.14 3.96
CA ASP A 9 6.11 -3.62 4.50
C ASP A 9 6.40 -2.85 5.79
N ILE A 10 5.56 -1.87 6.10
CA ILE A 10 5.77 -1.05 7.28
C ILE A 10 5.13 -1.53 8.57
N ASP A 11 3.80 -1.47 8.65
CA ASP A 11 3.10 -1.87 9.86
C ASP A 11 3.18 -3.34 10.22
N GLY A 12 3.58 -3.62 11.45
CA GLY A 12 3.72 -5.00 11.90
C GLY A 12 5.05 -5.60 11.52
N VAL A 13 5.88 -4.82 10.84
CA VAL A 13 7.19 -5.26 10.39
C VAL A 13 8.29 -4.31 10.89
N LEU A 14 8.13 -3.03 10.57
CA LEU A 14 9.12 -2.02 10.97
C LEU A 14 8.58 -1.17 12.09
N MET A 15 7.28 -0.96 12.08
CA MET A 15 6.58 -0.18 13.09
C MET A 15 5.41 -0.90 13.75
N HIS A 16 5.26 -0.69 15.04
CA HIS A 16 4.01 -0.85 15.71
C HIS A 16 3.45 0.46 16.12
N ASP A 17 2.51 0.88 15.30
CA ASP A 17 2.03 2.17 15.34
C ASP A 17 3.13 3.19 15.24
N ASN A 18 3.33 3.89 16.31
CA ASN A 18 4.35 4.88 16.35
C ASN A 18 5.66 4.50 17.03
N VAL A 19 5.77 3.21 17.30
CA VAL A 19 6.93 2.63 17.97
C VAL A 19 7.63 1.67 17.00
N ALA A 20 8.94 1.81 16.87
CA ALA A 20 9.70 0.96 15.98
C ALA A 20 9.86 -0.45 16.53
N VAL A 21 9.91 -1.41 15.63
CA VAL A 21 10.11 -2.80 16.02
C VAL A 21 11.62 -2.93 16.28
N PRO A 22 11.99 -3.54 17.41
CA PRO A 22 13.42 -3.69 17.73
C PRO A 22 14.20 -4.29 16.56
N GLY A 23 15.29 -3.62 16.18
CA GLY A 23 16.10 -4.10 15.08
C GLY A 23 15.78 -3.49 13.72
N ALA A 24 14.67 -2.78 13.63
CA ALA A 24 14.26 -2.14 12.38
C ALA A 24 15.33 -1.22 11.80
N ALA A 25 15.86 -0.32 12.64
CA ALA A 25 16.88 0.62 12.18
C ALA A 25 18.09 -0.10 11.59
N GLU A 26 18.62 -1.07 12.32
CA GLU A 26 19.79 -1.82 11.87
C GLU A 26 19.49 -2.59 10.59
N PHE A 27 18.29 -3.15 10.52
CA PHE A 27 17.87 -3.91 9.34
C PHE A 27 17.89 -3.02 8.10
N LEU A 28 17.24 -1.88 8.19
CA LEU A 28 17.17 -0.95 7.07
C LEU A 28 18.53 -0.37 6.70
N HIS A 29 19.30 0.06 7.70
CA HIS A 29 20.62 0.64 7.44
C HIS A 29 21.52 -0.39 6.75
N GLY A 30 21.38 -1.66 7.13
CA GLY A 30 22.19 -2.69 6.51
C GLY A 30 21.89 -2.80 5.02
N ILE A 31 20.61 -2.70 4.67
CA ILE A 31 20.20 -2.78 3.27
C ILE A 31 20.72 -1.59 2.48
N MET A 32 20.56 -0.39 3.03
CA MET A 32 21.01 0.81 2.34
C MET A 32 22.53 0.85 2.22
N ASP A 33 23.22 0.38 3.25
CA ASP A 33 24.69 0.34 3.24
C ASP A 33 25.18 -0.52 2.07
N LYS A 34 24.46 -1.59 1.78
CA LYS A 34 24.83 -2.50 0.68
C LYS A 34 24.47 -1.92 -0.68
N GLY A 35 23.73 -0.81 -0.66
CA GLY A 35 23.33 -0.17 -1.90
C GLY A 35 22.19 -0.83 -2.63
N LEU A 36 21.37 -1.59 -1.90
CA LEU A 36 20.23 -2.27 -2.52
C LEU A 36 19.03 -1.34 -2.56
N PRO A 37 18.40 -1.19 -3.75
CA PRO A 37 17.24 -0.30 -3.82
C PRO A 37 16.22 -0.75 -2.77
N LEU A 38 15.61 0.21 -2.09
CA LEU A 38 14.65 -0.09 -1.04
C LEU A 38 13.35 0.68 -1.14
N VAL A 39 12.25 -0.01 -0.92
CA VAL A 39 10.93 0.62 -0.92
C VAL A 39 10.21 0.19 0.35
N LEU A 40 9.74 1.17 1.11
CA LEU A 40 8.99 0.88 2.33
C LEU A 40 7.54 1.08 1.93
N LEU A 41 6.82 -0.02 1.88
CA LEU A 41 5.44 -0.05 1.45
C LEU A 41 4.36 -0.06 2.52
N THR A 42 3.27 0.65 2.25
CA THR A 42 2.14 0.66 3.16
C THR A 42 0.87 0.77 2.33
N ASN A 43 -0.15 0.01 2.72
CA ASN A 43 -1.42 0.00 2.02
C ASN A 43 -2.26 1.23 2.32
N TYR A 44 -1.89 1.98 3.36
CA TYR A 44 -2.68 3.15 3.72
C TYR A 44 -2.25 4.39 2.96
N PRO A 45 -3.24 5.18 2.51
CA PRO A 45 -3.08 6.41 1.74
C PRO A 45 -3.03 7.75 2.43
N SER A 46 -3.12 7.77 3.76
CA SER A 46 -3.15 9.04 4.49
C SER A 46 -1.86 9.83 4.65
N GLN A 47 -0.71 9.16 4.67
CA GLN A 47 0.54 9.90 4.90
C GLN A 47 1.39 10.16 3.68
N THR A 48 2.08 11.30 3.68
CA THR A 48 2.98 11.65 2.59
C THR A 48 4.31 11.02 2.94
N GLY A 49 5.24 11.01 1.99
CA GLY A 49 6.54 10.43 2.26
C GLY A 49 7.20 11.14 3.44
N GLN A 50 7.03 12.46 3.52
CA GLN A 50 7.64 13.23 4.58
C GLN A 50 7.01 12.90 5.91
N ASP A 51 5.70 12.71 5.91
CA ASP A 51 5.00 12.35 7.15
C ASP A 51 5.57 11.05 7.67
N LEU A 52 5.74 10.08 6.76
CA LEU A 52 6.26 8.78 7.13
C LEU A 52 7.70 8.87 7.63
N ALA A 53 8.51 9.69 6.97
CA ALA A 53 9.90 9.85 7.40
C ALA A 53 9.94 10.47 8.79
N ASN A 54 9.08 11.44 9.03
CA ASN A 54 9.00 12.02 10.34
C ASN A 54 8.53 11.05 11.42
N ARG A 55 7.54 10.24 11.08
CA ARG A 55 7.03 9.23 11.99
C ARG A 55 8.15 8.25 12.35
N PHE A 56 8.93 7.83 11.35
CA PHE A 56 10.04 6.91 11.55
C PHE A 56 11.14 7.56 12.39
N ALA A 57 11.47 8.80 12.07
CA ALA A 57 12.51 9.53 12.79
C ALA A 57 12.10 9.74 14.25
N THR A 58 10.84 10.02 14.48
CA THR A 58 10.33 10.23 15.84
C THR A 58 10.53 8.94 16.63
N ALA A 59 10.43 7.81 15.93
CA ALA A 59 10.58 6.49 16.54
C ALA A 59 12.03 6.05 16.60
N GLY A 60 12.93 6.90 16.13
CA GLY A 60 14.34 6.57 16.16
C GLY A 60 14.92 5.89 14.92
N VAL A 61 14.15 5.82 13.84
CA VAL A 61 14.61 5.19 12.61
C VAL A 61 14.76 6.26 11.53
N ASP A 62 15.98 6.44 11.03
CA ASP A 62 16.23 7.45 10.00
C ASP A 62 16.36 6.92 8.57
N VAL A 63 15.44 7.34 7.71
CA VAL A 63 15.44 6.96 6.30
C VAL A 63 14.97 8.14 5.47
N PRO A 64 15.31 8.15 4.17
CA PRO A 64 14.93 9.22 3.24
C PRO A 64 13.43 9.19 2.92
N ASP A 65 12.87 10.35 2.57
CA ASP A 65 11.45 10.47 2.19
C ASP A 65 11.17 9.59 0.97
N SER A 66 12.16 9.55 0.10
CA SER A 66 12.08 8.83 -1.17
C SER A 66 11.84 7.34 -1.13
N VAL A 67 12.15 6.67 -0.02
CA VAL A 67 11.95 5.23 0.04
C VAL A 67 10.50 4.82 0.25
N PHE A 68 9.67 5.72 0.77
CA PHE A 68 8.27 5.38 1.02
C PHE A 68 7.39 5.30 -0.22
N TYR A 69 6.48 4.33 -0.21
CA TYR A 69 5.55 4.15 -1.31
C TYR A 69 4.22 3.73 -0.69
N THR A 70 3.21 4.59 -0.82
CA THR A 70 1.89 4.30 -0.26
C THR A 70 0.89 3.98 -1.36
N SER A 71 -0.28 3.50 -0.96
CA SER A 71 -1.32 3.17 -1.93
C SER A 71 -1.81 4.44 -2.63
N ALA A 72 -1.56 5.60 -2.04
CA ALA A 72 -1.98 6.86 -2.64
C ALA A 72 -1.03 7.20 -3.80
N MET A 73 0.26 7.00 -3.55
CA MET A 73 1.27 7.25 -4.57
C MET A 73 1.08 6.26 -5.71
N ALA A 74 0.82 5.01 -5.36
CA ALA A 74 0.61 3.95 -6.34
C ALA A 74 -0.63 4.23 -7.18
N THR A 75 -1.67 4.77 -6.55
CA THR A 75 -2.90 5.10 -7.27
C THR A 75 -2.63 6.24 -8.26
N ALA A 76 -1.85 7.22 -7.83
CA ALA A 76 -1.52 8.34 -8.71
C ALA A 76 -0.70 7.81 -9.89
N ASP A 77 0.25 6.92 -9.61
CA ASP A 77 1.09 6.34 -10.66
C ASP A 77 0.24 5.54 -11.63
N PHE A 78 -0.78 4.86 -11.11
CA PHE A 78 -1.68 4.07 -11.93
C PHE A 78 -2.47 4.98 -12.87
N LEU A 79 -3.00 6.06 -12.33
CA LEU A 79 -3.81 7.01 -13.10
C LEU A 79 -3.02 7.88 -14.07
N ARG A 80 -1.74 8.11 -13.76
CA ARG A 80 -0.89 8.91 -14.62
C ARG A 80 -0.90 8.34 -16.03
N ARG A 81 -0.81 7.01 -16.10
CA ARG A 81 -0.76 6.31 -17.37
C ARG A 81 -2.13 6.11 -18.02
N GLN A 82 -3.15 6.74 -17.45
CA GLN A 82 -4.50 6.58 -18.00
C GLN A 82 -4.98 7.78 -18.77
N GLU A 83 -5.90 7.54 -19.70
CA GLU A 83 -6.50 8.59 -20.50
C GLU A 83 -7.61 9.14 -19.63
N GLY A 84 -7.83 10.45 -19.68
CA GLY A 84 -8.86 11.04 -18.86
C GLY A 84 -8.16 11.59 -17.63
N LYS A 85 -8.46 12.83 -17.27
CA LYS A 85 -7.82 13.44 -16.11
C LYS A 85 -8.81 14.17 -15.22
N LYS A 86 -10.04 13.69 -15.20
CA LYS A 86 -11.08 14.27 -14.36
C LYS A 86 -11.57 13.20 -13.40
N ALA A 87 -11.58 13.51 -12.11
CA ALA A 87 -12.00 12.51 -11.14
C ALA A 87 -12.78 13.09 -9.96
N TYR A 88 -13.74 12.32 -9.49
CA TYR A 88 -14.49 12.70 -8.31
C TYR A 88 -13.77 11.90 -7.24
N VAL A 89 -13.21 12.58 -6.26
CA VAL A 89 -12.45 11.90 -5.22
C VAL A 89 -13.10 11.90 -3.84
N VAL A 90 -13.12 10.72 -3.25
CA VAL A 90 -13.64 10.54 -1.90
C VAL A 90 -12.37 10.27 -1.10
N GLY A 91 -11.77 11.34 -0.59
CA GLY A 91 -10.54 11.18 0.16
C GLY A 91 -10.01 12.55 0.54
N GLU A 92 -8.85 12.58 1.18
CA GLU A 92 -8.29 13.86 1.61
C GLU A 92 -6.78 13.77 1.79
N GLY A 93 -6.15 14.94 1.91
CA GLY A 93 -4.73 14.99 2.12
C GLY A 93 -3.80 14.49 1.03
N ALA A 94 -2.92 13.58 1.41
CA ALA A 94 -1.91 13.00 0.52
C ALA A 94 -2.42 12.59 -0.86
N LEU A 95 -3.49 11.80 -0.90
CA LEU A 95 -4.05 11.35 -2.18
C LEU A 95 -4.42 12.51 -3.09
N ILE A 96 -5.08 13.52 -2.52
CA ILE A 96 -5.49 14.69 -3.29
C ILE A 96 -4.30 15.39 -3.95
N HIS A 97 -3.27 15.66 -3.16
CA HIS A 97 -2.09 16.32 -3.67
C HIS A 97 -1.39 15.49 -4.76
N GLU A 98 -1.32 14.18 -4.54
CA GLU A 98 -0.70 13.29 -5.52
C GLU A 98 -1.44 13.34 -6.85
N LEU A 99 -2.77 13.36 -6.80
CA LEU A 99 -3.57 13.41 -8.01
C LEU A 99 -3.36 14.73 -8.76
N TYR A 100 -3.30 15.84 -8.03
CA TYR A 100 -3.06 17.14 -8.67
C TYR A 100 -1.71 17.13 -9.37
N LYS A 101 -0.72 16.51 -8.74
CA LYS A 101 0.62 16.43 -9.32
C LYS A 101 0.63 15.50 -10.53
N ALA A 102 -0.37 14.62 -10.62
CA ALA A 102 -0.49 13.69 -11.74
C ALA A 102 -1.29 14.35 -12.88
N GLY A 103 -1.60 15.63 -12.72
CA GLY A 103 -2.33 16.36 -13.75
C GLY A 103 -3.84 16.27 -13.72
N PHE A 104 -4.40 15.83 -12.60
CA PHE A 104 -5.84 15.69 -12.50
C PHE A 104 -6.62 16.93 -12.10
N THR A 105 -7.87 16.95 -12.52
CA THR A 105 -8.81 18.00 -12.17
C THR A 105 -9.78 17.21 -11.29
N ILE A 106 -10.06 17.72 -10.09
CA ILE A 106 -10.96 17.03 -9.20
C ILE A 106 -12.29 17.75 -9.31
N THR A 107 -13.32 17.01 -9.74
CA THR A 107 -14.63 17.61 -9.98
C THR A 107 -15.79 16.64 -9.81
N ASP A 108 -16.98 17.19 -9.58
CA ASP A 108 -18.16 16.37 -9.45
C ASP A 108 -19.02 16.64 -10.70
N VAL A 109 -18.36 17.09 -11.76
CA VAL A 109 -19.00 17.36 -13.04
C VAL A 109 -18.35 16.49 -14.11
N ASN A 110 -19.11 15.54 -14.63
CA ASN A 110 -18.61 14.64 -15.67
C ASN A 110 -17.22 14.06 -15.40
N PRO A 111 -17.04 13.42 -14.24
CA PRO A 111 -15.73 12.84 -13.93
C PRO A 111 -15.50 11.56 -14.71
N ASP A 112 -14.25 11.28 -15.05
CA ASP A 112 -13.91 10.05 -15.77
C ASP A 112 -13.75 8.92 -14.75
N PHE A 113 -13.22 9.27 -13.58
CA PHE A 113 -12.98 8.31 -12.51
C PHE A 113 -13.64 8.71 -11.20
N VAL A 114 -13.89 7.71 -10.36
CA VAL A 114 -14.39 7.90 -9.01
C VAL A 114 -13.25 7.23 -8.25
N ILE A 115 -12.56 8.00 -7.43
CA ILE A 115 -11.44 7.47 -6.67
C ILE A 115 -11.72 7.54 -5.18
N VAL A 116 -11.61 6.41 -4.51
CA VAL A 116 -11.87 6.35 -3.09
C VAL A 116 -10.62 6.00 -2.31
N GLY A 117 -10.30 6.84 -1.33
CA GLY A 117 -9.15 6.60 -0.47
C GLY A 117 -9.70 6.56 0.94
N GLU A 118 -9.27 7.50 1.77
CA GLU A 118 -9.75 7.60 3.15
C GLU A 118 -10.01 9.06 3.51
N THR A 119 -11.09 9.29 4.23
CA THR A 119 -11.42 10.64 4.67
C THR A 119 -12.41 10.55 5.81
N ARG A 120 -12.09 11.21 6.92
CA ARG A 120 -12.97 11.20 8.07
C ARG A 120 -14.17 12.11 7.84
N SER A 121 -14.22 12.74 6.67
CA SER A 121 -15.31 13.62 6.30
C SER A 121 -16.33 12.88 5.45
N TYR A 122 -16.07 11.59 5.21
CA TYR A 122 -16.97 10.76 4.41
C TYR A 122 -18.40 10.91 4.92
N ASN A 123 -19.34 11.13 4.00
CA ASN A 123 -20.73 11.28 4.39
C ASN A 123 -21.70 10.81 3.33
N TRP A 124 -22.99 10.91 3.66
CA TRP A 124 -24.09 10.52 2.79
C TRP A 124 -23.98 11.12 1.40
N ASP A 125 -23.63 12.41 1.33
CA ASP A 125 -23.49 13.07 0.04
C ASP A 125 -22.39 12.48 -0.84
N MET A 126 -21.24 12.17 -0.25
CA MET A 126 -20.14 11.58 -0.99
C MET A 126 -20.51 10.18 -1.50
N MET A 127 -21.14 9.40 -0.63
CA MET A 127 -21.55 8.05 -1.00
C MET A 127 -22.53 8.14 -2.17
N HIS A 128 -23.46 9.09 -2.06
CA HIS A 128 -24.47 9.30 -3.09
C HIS A 128 -23.84 9.65 -4.44
N LYS A 129 -23.01 10.69 -4.47
CA LYS A 129 -22.36 11.10 -5.70
C LYS A 129 -21.47 10.02 -6.30
N ALA A 130 -20.66 9.39 -5.46
CA ALA A 130 -19.78 8.33 -5.93
C ALA A 130 -20.60 7.19 -6.54
N ALA A 131 -21.68 6.81 -5.86
CA ALA A 131 -22.54 5.73 -6.36
C ALA A 131 -23.19 6.14 -7.68
N TYR A 132 -23.64 7.38 -7.76
CA TYR A 132 -24.27 7.90 -8.97
C TYR A 132 -23.30 7.84 -10.15
N PHE A 133 -22.07 8.32 -9.96
CA PHE A 133 -21.09 8.31 -11.03
C PHE A 133 -20.67 6.90 -11.45
N VAL A 134 -20.44 6.02 -10.48
CA VAL A 134 -20.04 4.66 -10.79
C VAL A 134 -21.17 3.95 -11.53
N ALA A 135 -22.39 4.15 -11.05
CA ALA A 135 -23.55 3.52 -11.69
C ALA A 135 -23.69 4.01 -13.12
N ASN A 136 -23.29 5.23 -13.38
CA ASN A 136 -23.29 5.82 -14.69
C ASN A 136 -22.07 5.62 -15.55
N GLY A 137 -21.23 4.66 -15.19
CA GLY A 137 -20.05 4.38 -15.98
C GLY A 137 -18.69 4.92 -15.62
N ALA A 138 -18.57 5.66 -14.54
CA ALA A 138 -17.26 6.20 -14.18
C ALA A 138 -16.33 5.06 -13.78
N ARG A 139 -15.03 5.21 -14.10
CA ARG A 139 -14.06 4.17 -13.74
C ARG A 139 -13.84 4.22 -12.22
N PHE A 140 -14.18 3.11 -11.55
CA PHE A 140 -14.12 2.96 -10.10
C PHE A 140 -12.78 2.41 -9.59
N ILE A 141 -12.00 3.29 -8.94
CA ILE A 141 -10.69 2.93 -8.40
C ILE A 141 -10.63 3.23 -6.90
N ALA A 142 -9.98 2.35 -6.15
CA ALA A 142 -9.86 2.53 -4.70
C ALA A 142 -8.43 2.25 -4.28
N THR A 143 -7.93 2.99 -3.30
CA THR A 143 -6.54 2.82 -2.86
C THR A 143 -6.21 1.47 -2.21
N ASN A 144 -7.05 1.00 -1.30
CA ASN A 144 -6.77 -0.27 -0.62
C ASN A 144 -8.06 -0.91 -0.10
N PRO A 145 -8.10 -2.25 -0.08
CA PRO A 145 -9.29 -3.00 0.38
C PRO A 145 -9.52 -3.11 1.89
N ASP A 146 -8.54 -2.71 2.68
CA ASP A 146 -8.67 -2.78 4.14
C ASP A 146 -9.98 -2.13 4.61
N THR A 147 -10.73 -2.83 5.46
CA THR A 147 -12.01 -2.29 5.93
C THR A 147 -11.87 -1.26 7.05
N HIS A 148 -10.78 -1.36 7.81
CA HIS A 148 -10.57 -0.41 8.90
C HIS A 148 -9.09 -0.23 9.22
N GLY A 149 -8.76 0.89 9.85
CA GLY A 149 -7.38 1.16 10.23
C GLY A 149 -7.18 0.67 11.64
N ARG A 150 -6.74 1.54 12.54
CA ARG A 150 -6.55 1.14 13.93
C ARG A 150 -7.90 1.02 14.61
N GLY A 151 -8.05 0.01 15.47
CA GLY A 151 -9.30 -0.20 16.15
C GLY A 151 -10.36 -0.50 15.11
N PHE A 152 -11.48 0.21 15.16
CA PHE A 152 -12.54 0.00 14.20
C PHE A 152 -12.77 1.24 13.35
N TYR A 153 -11.70 2.01 13.15
CA TYR A 153 -11.72 3.21 12.33
C TYR A 153 -12.00 2.82 10.89
N PRO A 154 -13.04 3.40 10.27
CA PRO A 154 -13.33 3.06 8.88
C PRO A 154 -12.13 3.36 7.99
N ALA A 155 -11.86 2.45 7.05
CA ALA A 155 -10.77 2.61 6.10
C ALA A 155 -11.38 2.53 4.71
N CYS A 156 -10.56 2.69 3.68
CA CYS A 156 -11.03 2.65 2.30
C CYS A 156 -12.10 1.60 1.98
N GLY A 157 -11.83 0.34 2.35
CA GLY A 157 -12.76 -0.74 2.07
C GLY A 157 -14.16 -0.48 2.61
N ALA A 158 -14.23 0.12 3.79
CA ALA A 158 -15.52 0.42 4.42
C ALA A 158 -16.25 1.56 3.70
N LEU A 159 -15.48 2.51 3.18
CA LEU A 159 -16.06 3.64 2.46
C LEU A 159 -16.60 3.17 1.11
N CYS A 160 -15.96 2.16 0.53
CA CYS A 160 -16.41 1.63 -0.76
C CYS A 160 -17.67 0.79 -0.63
N ALA A 161 -17.84 0.14 0.52
CA ALA A 161 -18.97 -0.74 0.77
C ALA A 161 -20.33 -0.17 0.37
N GLY A 162 -20.65 1.04 0.83
CA GLY A 162 -21.93 1.65 0.49
C GLY A 162 -22.04 1.97 -0.99
N ILE A 163 -20.94 2.45 -1.57
CA ILE A 163 -20.91 2.79 -2.99
C ILE A 163 -21.13 1.54 -3.85
N GLU A 164 -20.49 0.44 -3.47
CA GLU A 164 -20.64 -0.82 -4.20
C GLU A 164 -22.07 -1.34 -4.10
N LYS A 165 -22.63 -1.26 -2.90
CA LYS A 165 -24.00 -1.73 -2.62
C LYS A 165 -25.03 -1.02 -3.50
N ILE A 166 -24.90 0.30 -3.61
CA ILE A 166 -25.83 1.10 -4.40
C ILE A 166 -25.63 0.94 -5.90
N SER A 167 -24.38 1.00 -6.35
CA SER A 167 -24.07 0.90 -7.77
C SER A 167 -24.04 -0.52 -8.34
N GLY A 168 -23.80 -1.49 -7.47
CA GLY A 168 -23.72 -2.87 -7.91
C GLY A 168 -22.39 -3.15 -8.59
N ARG A 169 -21.41 -2.27 -8.41
CA ARG A 169 -20.10 -2.45 -9.01
C ARG A 169 -18.98 -2.40 -7.96
N LYS A 170 -17.89 -3.10 -8.24
CA LYS A 170 -16.75 -3.13 -7.34
C LYS A 170 -15.60 -2.35 -7.94
N PRO A 171 -14.78 -1.73 -7.08
CA PRO A 171 -13.65 -0.96 -7.61
C PRO A 171 -12.44 -1.83 -7.82
N PHE A 172 -11.47 -1.27 -8.51
CA PHE A 172 -10.21 -1.93 -8.72
C PHE A 172 -9.39 -1.39 -7.55
N TYR A 173 -8.96 -2.28 -6.66
CA TYR A 173 -8.15 -1.87 -5.51
C TYR A 173 -6.70 -1.87 -5.96
N VAL A 174 -6.02 -0.75 -5.76
CA VAL A 174 -4.64 -0.60 -6.17
C VAL A 174 -3.65 -1.29 -5.22
N GLY A 175 -3.95 -1.24 -3.92
CA GLY A 175 -3.05 -1.83 -2.94
C GLY A 175 -3.08 -3.35 -2.80
N LYS A 176 -2.26 -3.87 -1.89
CA LYS A 176 -2.19 -5.31 -1.62
C LYS A 176 -3.60 -5.77 -1.27
N PRO A 177 -3.95 -7.02 -1.58
CA PRO A 177 -3.19 -8.11 -2.20
C PRO A 177 -3.00 -8.03 -3.72
N SER A 178 -3.44 -6.95 -4.34
CA SER A 178 -3.30 -6.79 -5.77
C SER A 178 -1.81 -6.82 -6.14
N PRO A 179 -1.43 -7.67 -7.09
CA PRO A 179 -0.02 -7.76 -7.52
C PRO A 179 0.47 -6.49 -8.21
N TRP A 180 -0.44 -5.71 -8.77
CA TRP A 180 -0.04 -4.51 -9.48
C TRP A 180 0.81 -3.54 -8.66
N ILE A 181 0.45 -3.33 -7.40
CA ILE A 181 1.23 -2.40 -6.58
C ILE A 181 2.67 -2.87 -6.40
N ILE A 182 2.89 -4.18 -6.47
CA ILE A 182 4.24 -4.73 -6.35
C ILE A 182 4.98 -4.37 -7.64
N ARG A 183 4.27 -4.45 -8.76
CA ARG A 183 4.84 -4.10 -10.06
C ARG A 183 5.24 -2.63 -10.03
N ALA A 184 4.37 -1.80 -9.48
CA ALA A 184 4.61 -0.37 -9.38
C ALA A 184 5.83 -0.09 -8.52
N ALA A 185 5.97 -0.86 -7.44
CA ALA A 185 7.11 -0.71 -6.53
C ALA A 185 8.40 -1.10 -7.25
N LEU A 186 8.35 -2.18 -8.03
CA LEU A 186 9.51 -2.63 -8.79
C LEU A 186 9.92 -1.55 -9.80
N ASN A 187 8.96 -0.98 -10.49
CA ASN A 187 9.25 0.05 -11.44
C ASN A 187 9.90 1.24 -10.75
N LYS A 188 9.49 1.52 -9.53
CA LYS A 188 10.06 2.62 -8.76
C LYS A 188 11.54 2.37 -8.51
N MET A 189 11.91 1.10 -8.37
CA MET A 189 13.31 0.73 -8.15
C MET A 189 13.99 0.31 -9.44
N GLN A 190 13.23 0.27 -10.53
CA GLN A 190 13.77 -0.15 -11.83
C GLN A 190 14.35 -1.54 -11.61
N ALA A 191 13.60 -2.36 -10.88
CA ALA A 191 14.03 -3.71 -10.55
C ALA A 191 13.17 -4.80 -11.17
N HIS A 192 13.74 -5.99 -11.26
CA HIS A 192 13.05 -7.15 -11.80
C HIS A 192 12.55 -8.00 -10.65
N SER A 193 11.42 -8.67 -10.84
CA SER A 193 10.85 -9.50 -9.79
C SER A 193 11.79 -10.62 -9.35
N GLU A 194 12.53 -11.19 -10.29
CA GLU A 194 13.44 -12.29 -9.97
C GLU A 194 14.58 -11.96 -9.01
N GLU A 195 14.87 -10.67 -8.83
CA GLU A 195 15.94 -10.26 -7.91
C GLU A 195 15.40 -9.39 -6.79
N THR A 196 14.11 -9.55 -6.48
CA THR A 196 13.51 -8.75 -5.42
C THR A 196 12.79 -9.61 -4.41
N VAL A 197 12.91 -9.21 -3.14
CA VAL A 197 12.25 -9.92 -2.07
C VAL A 197 11.32 -8.92 -1.40
N ILE A 198 10.21 -9.42 -0.87
CA ILE A 198 9.30 -8.55 -0.14
C ILE A 198 9.22 -9.11 1.26
N VAL A 199 9.27 -8.24 2.25
CA VAL A 199 9.17 -8.64 3.65
C VAL A 199 7.83 -8.13 4.16
N GLY A 200 7.03 -9.01 4.76
CA GLY A 200 5.75 -8.58 5.26
C GLY A 200 5.26 -9.43 6.42
N ASP A 201 4.23 -8.96 7.11
CA ASP A 201 3.69 -9.68 8.25
C ASP A 201 2.31 -10.30 7.98
N ASN A 202 1.71 -9.97 6.85
CA ASN A 202 0.39 -10.49 6.52
C ASN A 202 0.41 -11.46 5.34
N LEU A 203 0.18 -12.74 5.63
CA LEU A 203 0.18 -13.77 4.60
C LEU A 203 -0.79 -13.47 3.48
N ARG A 204 -1.96 -12.94 3.83
CA ARG A 204 -3.00 -12.64 2.86
C ARG A 204 -2.85 -11.37 2.05
N THR A 205 -1.83 -10.58 2.34
CA THR A 205 -1.61 -9.35 1.59
C THR A 205 -0.17 -9.21 1.07
N ASP A 206 0.78 -9.08 1.98
CA ASP A 206 2.19 -8.94 1.57
C ASP A 206 2.68 -10.19 0.84
N ILE A 207 2.48 -11.34 1.47
CA ILE A 207 2.95 -12.58 0.89
C ILE A 207 2.20 -13.00 -0.36
N LEU A 208 0.88 -12.92 -0.33
CA LEU A 208 0.07 -13.27 -1.50
C LEU A 208 0.43 -12.41 -2.70
N ALA A 209 0.56 -11.10 -2.49
CA ALA A 209 0.90 -10.20 -3.59
C ALA A 209 2.31 -10.47 -4.11
N GLY A 210 3.27 -10.61 -3.20
CA GLY A 210 4.63 -10.88 -3.61
C GLY A 210 4.73 -12.16 -4.42
N PHE A 211 4.08 -13.21 -3.92
CA PHE A 211 4.09 -14.51 -4.59
C PHE A 211 3.54 -14.43 -6.01
N GLN A 212 2.38 -13.80 -6.15
CA GLN A 212 1.75 -13.66 -7.47
C GLN A 212 2.59 -12.81 -8.43
N ALA A 213 3.36 -11.89 -7.87
CA ALA A 213 4.22 -10.99 -8.66
C ALA A 213 5.55 -11.65 -9.03
N GLY A 214 5.80 -12.84 -8.50
CA GLY A 214 7.02 -13.55 -8.81
C GLY A 214 8.19 -13.22 -7.89
N LEU A 215 7.90 -12.64 -6.73
CA LEU A 215 8.97 -12.29 -5.79
C LEU A 215 9.24 -13.35 -4.73
N GLU A 216 10.46 -13.34 -4.20
CA GLU A 216 10.81 -14.22 -3.11
C GLU A 216 10.14 -13.50 -1.94
N THR A 217 9.63 -14.25 -0.97
CA THR A 217 8.94 -13.64 0.15
C THR A 217 9.48 -14.03 1.52
N ILE A 218 9.43 -13.09 2.45
CA ILE A 218 9.87 -13.32 3.81
C ILE A 218 8.75 -12.89 4.73
N LEU A 219 8.24 -13.81 5.52
CA LEU A 219 7.18 -13.50 6.47
C LEU A 219 7.79 -13.30 7.86
N VAL A 220 7.46 -12.18 8.50
CA VAL A 220 7.93 -11.97 9.86
C VAL A 220 6.71 -12.23 10.71
N LEU A 221 6.92 -12.70 11.94
CA LEU A 221 5.83 -13.04 12.85
C LEU A 221 5.52 -11.95 13.86
N SER A 222 6.05 -10.76 13.61
CA SER A 222 5.87 -9.63 14.51
C SER A 222 4.56 -8.87 14.31
N GLY A 223 3.74 -9.34 13.37
CA GLY A 223 2.48 -8.65 13.10
C GLY A 223 1.22 -9.51 13.06
N VAL A 224 0.42 -9.32 12.02
CA VAL A 224 -0.85 -10.03 11.85
C VAL A 224 -0.79 -11.55 11.79
N SER A 225 -0.03 -12.08 10.85
CA SER A 225 0.06 -13.53 10.69
C SER A 225 0.92 -14.25 11.72
N SER A 226 0.53 -15.49 12.02
CA SER A 226 1.26 -16.32 12.96
C SER A 226 1.79 -17.54 12.22
N LEU A 227 2.80 -18.18 12.80
CA LEU A 227 3.42 -19.33 12.17
C LEU A 227 2.49 -20.46 11.75
N ASP A 228 1.53 -20.81 12.60
CA ASP A 228 0.63 -21.90 12.24
C ASP A 228 -0.28 -21.58 11.06
N ASP A 229 -0.34 -20.31 10.68
CA ASP A 229 -1.18 -19.90 9.55
C ASP A 229 -0.66 -20.41 8.21
N ILE A 230 0.59 -20.85 8.16
CA ILE A 230 1.16 -21.33 6.90
C ILE A 230 0.90 -22.80 6.58
N ASP A 231 0.50 -23.57 7.60
CA ASP A 231 0.26 -25.00 7.44
C ASP A 231 -0.71 -25.33 6.32
N SER A 232 -1.88 -24.70 6.33
CA SER A 232 -2.89 -24.96 5.32
C SER A 232 -2.79 -24.04 4.10
N MET A 233 -1.88 -23.07 4.17
CA MET A 233 -1.69 -22.12 3.07
C MET A 233 -1.27 -22.77 1.75
N PRO A 234 -2.01 -22.45 0.67
CA PRO A 234 -1.74 -22.97 -0.67
C PRO A 234 -0.29 -22.80 -1.05
N PHE A 235 0.22 -21.60 -0.83
CA PHE A 235 1.61 -21.24 -1.12
C PHE A 235 2.21 -20.90 0.25
N ARG A 236 3.52 -20.89 0.34
CA ARG A 236 4.16 -20.54 1.59
C ARG A 236 5.34 -19.59 1.36
N PRO A 237 5.72 -18.85 2.41
CA PRO A 237 6.84 -17.90 2.32
C PRO A 237 8.16 -18.59 2.02
N SER A 238 9.06 -17.87 1.34
CA SER A 238 10.37 -18.41 1.04
C SER A 238 11.11 -18.62 2.37
N TRP A 239 10.92 -17.67 3.29
CA TRP A 239 11.52 -17.71 4.62
C TRP A 239 10.55 -17.13 5.65
N ILE A 240 10.77 -17.48 6.91
CA ILE A 240 9.94 -16.99 8.01
C ILE A 240 10.83 -16.68 9.22
N TYR A 241 10.67 -15.50 9.79
CA TYR A 241 11.45 -15.10 10.97
C TYR A 241 10.54 -14.42 11.97
N PRO A 242 10.95 -14.43 13.26
CA PRO A 242 10.14 -13.78 14.29
C PRO A 242 10.00 -12.29 13.96
N SER A 243 11.08 -11.69 13.49
CA SER A 243 11.08 -10.27 13.14
C SER A 243 12.24 -9.96 12.19
N VAL A 244 12.32 -8.73 11.72
CA VAL A 244 13.38 -8.34 10.81
C VAL A 244 14.78 -8.47 11.43
N ALA A 245 14.83 -8.49 12.77
CA ALA A 245 16.11 -8.60 13.47
C ALA A 245 16.96 -9.80 13.09
N GLU A 246 16.31 -10.91 12.74
CA GLU A 246 17.05 -12.11 12.36
C GLU A 246 17.20 -12.33 10.87
N ILE A 247 16.61 -11.46 10.05
CA ILE A 247 16.73 -11.62 8.61
C ILE A 247 18.18 -11.38 8.19
N ASP A 248 18.80 -12.37 7.57
CA ASP A 248 20.20 -12.25 7.13
C ASP A 248 20.43 -12.96 5.80
N VAL A 249 19.36 -13.14 5.02
CA VAL A 249 19.46 -13.78 3.72
C VAL A 249 19.53 -12.69 2.65
N ILE A 250 19.60 -11.44 3.11
CA ILE A 250 19.69 -10.30 2.21
C ILE A 250 21.12 -9.79 2.18
MG MG B . 1.70 -4.99 7.71
P PO4 C . -2.46 -4.79 4.99
O1 PO4 C . -2.09 -3.42 5.43
O2 PO4 C . -2.97 -5.56 6.15
O3 PO4 C . -3.53 -4.70 3.96
O4 PO4 C . -1.28 -5.47 4.41
P PO4 D . 0.67 -1.82 6.13
O1 PO4 D . 1.93 -1.04 6.11
O2 PO4 D . 0.30 -2.19 4.74
O3 PO4 D . 0.86 -3.04 6.92
O4 PO4 D . -0.41 -1.00 6.73
#